data_4MP3
#
_entry.id   4MP3
#
_cell.length_a   62.887
_cell.length_b   62.887
_cell.length_c   157.633
_cell.angle_alpha   90.000
_cell.angle_beta   90.000
_cell.angle_gamma   90.000
#
_symmetry.space_group_name_H-M   'P 41 21 2'
#
loop_
_entity.id
_entity.type
_entity.pdbx_description
1 polymer 'Putative ornithine cyclodeaminase'
2 non-polymer 'SULFATE ION'
3 non-polymer GLYCEROL
4 water water
#
_entity_poly.entity_id   1
_entity_poly.type   'polypeptide(L)'
_entity_poly.pdbx_seq_one_letter_code
;GSHMNRE(MSE)LYLNRSDIEQAGGNHSQVYVDALTEALTAHAHNDFVQPLKPYLRQDPENGHIADRIIA(MSE)PSHIG
GEHAISGIKWIGSKHDNPSKRN(MSE)ERASGVIILNDPETNYPIAV(MSE)EASLISS(MSE)RTAAVSVIAAKHLAKK
GFKDLTIIGCGLIGDKQLQS(MSE)LEQFDHIERVFVYDQFSEACARFVDRWQQQRPEINFIATENAKEAVSNGEVVITC
TVTDQPYIEYDWLQKGAFISNISI(MSE)DVHKEVFIKADKVVVDDWSQCNREKKTINQLVLEGKFSKEALHAELGQLVT
GDIPGREDDDEIILLNP(MSE)G(MSE)AIEDISSAYFIYQQAQQQNIGTTLNLY
;
_entity_poly.pdbx_strand_id   A
#
loop_
_chem_comp.id
_chem_comp.type
_chem_comp.name
_chem_comp.formula
GOL non-polymer GLYCEROL 'C3 H8 O3'
SO4 non-polymer 'SULFATE ION' 'O4 S -2'
#
# COMPACT_ATOMS: atom_id res chain seq x y z
N ASN A 5 -0.53 -13.65 34.33
CA ASN A 5 0.67 -12.83 33.94
C ASN A 5 0.42 -11.90 32.76
N ARG A 6 1.00 -10.70 32.77
CA ARG A 6 0.90 -9.90 31.56
C ARG A 6 2.01 -10.33 30.60
N GLU A 7 1.59 -10.89 29.48
CA GLU A 7 2.51 -11.41 28.50
C GLU A 7 2.23 -10.77 27.17
N MSE A 8 3.25 -10.79 26.31
CA MSE A 8 3.09 -10.32 24.97
C MSE A 8 3.76 -11.31 24.06
O MSE A 8 4.69 -12.00 24.46
CB MSE A 8 3.65 -8.93 24.68
CG MSE A 8 3.33 -7.86 25.71
SE MSE A 8 4.15 -6.15 25.13
CE MSE A 8 6.08 -6.58 25.34
N LEU A 9 3.27 -11.38 22.83
CA LEU A 9 3.90 -12.17 21.81
C LEU A 9 4.79 -11.30 20.93
N TYR A 10 6.04 -11.72 20.80
CA TYR A 10 6.96 -11.05 19.89
C TYR A 10 7.02 -11.86 18.59
N LEU A 11 6.76 -11.18 17.47
CA LEU A 11 6.86 -11.82 16.16
C LEU A 11 7.82 -11.03 15.31
N ASN A 12 8.97 -11.65 15.06
CA ASN A 12 9.92 -11.12 14.10
C ASN A 12 9.48 -11.40 12.65
N ARG A 13 10.25 -10.94 11.67
CA ARG A 13 9.83 -11.09 10.26
C ARG A 13 9.71 -12.56 9.84
N SER A 14 10.64 -13.38 10.32
CA SER A 14 10.59 -14.82 10.06
C SER A 14 9.32 -15.48 10.61
N ASP A 15 8.94 -15.11 11.84
CA ASP A 15 7.70 -15.63 12.43
C ASP A 15 6.47 -15.14 11.64
N ILE A 16 6.48 -13.87 11.26
CA ILE A 16 5.39 -13.25 10.50
C ILE A 16 5.20 -14.04 9.19
N GLU A 17 6.30 -14.30 8.49
CA GLU A 17 6.27 -15.13 7.29
C GLU A 17 5.76 -16.53 7.59
N GLN A 18 6.28 -17.14 8.66
CA GLN A 18 5.88 -18.50 9.04
C GLN A 18 4.36 -18.52 9.28
N ALA A 19 3.82 -17.43 9.84
CA ALA A 19 2.41 -17.33 10.17
C ALA A 19 1.50 -16.89 8.98
N GLY A 20 2.03 -16.90 7.76
CA GLY A 20 1.23 -16.50 6.59
C GLY A 20 1.47 -15.11 6.02
N GLY A 21 2.29 -14.33 6.72
CA GLY A 21 2.57 -12.96 6.31
C GLY A 21 3.42 -12.79 5.06
N ASN A 22 3.85 -13.90 4.46
CA ASN A 22 4.66 -13.87 3.21
C ASN A 22 3.81 -13.99 1.95
N HIS A 23 2.49 -14.10 2.12
CA HIS A 23 1.57 -14.09 0.99
C HIS A 23 0.40 -13.10 1.14
N SER A 24 -0.21 -12.73 0.01
CA SER A 24 -1.17 -11.62 -0.01
C SER A 24 -2.52 -11.93 0.64
N GLN A 25 -3.00 -13.18 0.56
CA GLN A 25 -4.37 -13.44 0.97
C GLN A 25 -4.69 -12.90 2.36
N VAL A 26 -3.82 -13.15 3.33
CA VAL A 26 -4.07 -12.67 4.69
C VAL A 26 -4.28 -11.16 4.72
N TYR A 27 -3.53 -10.41 3.90
CA TYR A 27 -3.65 -8.96 3.86
C TYR A 27 -4.94 -8.52 3.16
N VAL A 28 -5.26 -9.17 2.05
CA VAL A 28 -6.51 -8.92 1.36
C VAL A 28 -7.67 -9.13 2.33
N ASP A 29 -7.67 -10.25 3.06
CA ASP A 29 -8.75 -10.54 3.99
C ASP A 29 -8.81 -9.53 5.12
N ALA A 30 -7.66 -9.21 5.72
CA ALA A 30 -7.61 -8.23 6.81
C ALA A 30 -8.12 -6.85 6.36
N LEU A 31 -7.67 -6.41 5.19
CA LEU A 31 -7.99 -5.06 4.71
C LEU A 31 -9.43 -4.97 4.23
N THR A 32 -9.96 -6.05 3.65
CA THR A 32 -11.39 -6.05 3.29
C THR A 32 -12.26 -5.76 4.52
N GLU A 33 -11.91 -6.38 5.65
CA GLU A 33 -12.64 -6.16 6.89
C GLU A 33 -12.42 -4.75 7.42
N ALA A 34 -11.17 -4.30 7.37
CA ALA A 34 -10.84 -2.98 7.92
C ALA A 34 -11.48 -1.88 7.08
N LEU A 35 -11.50 -2.06 5.77
CA LEU A 35 -12.07 -1.07 4.85
C LEU A 35 -13.59 -1.01 5.01
N THR A 36 -14.18 -2.18 5.24
CA THR A 36 -15.59 -2.26 5.62
C THR A 36 -15.85 -1.48 6.93
N ALA A 37 -15.08 -1.73 7.97
CA ALA A 37 -15.22 -0.96 9.21
C ALA A 37 -14.98 0.55 8.98
N HIS A 38 -14.03 0.87 8.10
CA HIS A 38 -13.78 2.26 7.74
C HIS A 38 -15.01 2.95 7.10
N ALA A 39 -15.62 2.27 6.12
CA ALA A 39 -16.84 2.77 5.45
C ALA A 39 -18.01 2.93 6.42
N HIS A 40 -18.03 2.14 7.49
CA HIS A 40 -19.03 2.31 8.55
C HIS A 40 -18.52 3.21 9.68
N ASN A 41 -17.37 3.86 9.44
CA ASN A 41 -16.80 4.79 10.42
C ASN A 41 -16.61 4.14 11.80
N ASP A 42 -16.39 2.82 11.85
CA ASP A 42 -16.15 2.15 13.13
C ASP A 42 -14.64 1.91 13.31
N PHE A 43 -13.95 3.00 13.60
CA PHE A 43 -12.51 3.06 13.79
C PHE A 43 -12.25 4.43 14.41
N VAL A 44 -11.06 4.60 14.96
CA VAL A 44 -10.54 5.94 15.29
C VAL A 44 -9.07 5.98 14.89
N GLN A 45 -8.70 7.04 14.17
CA GLN A 45 -7.42 7.11 13.54
C GLN A 45 -6.98 8.55 13.61
N PRO A 46 -6.15 8.87 14.61
CA PRO A 46 -5.57 10.22 14.79
C PRO A 46 -4.64 10.56 13.64
N LEU A 47 -4.42 11.83 13.40
CA LEU A 47 -3.38 12.26 12.45
C LEU A 47 -2.04 11.64 12.85
N LYS A 48 -1.29 11.16 11.86
CA LYS A 48 0.03 10.56 12.10
C LYS A 48 1.07 11.63 12.38
N PRO A 49 1.66 11.63 13.59
CA PRO A 49 2.78 12.53 13.79
C PRO A 49 4.09 12.00 13.18
N TYR A 50 4.75 12.86 12.42
CA TYR A 50 6.04 12.57 11.81
C TYR A 50 7.15 13.05 12.74
N LEU A 51 8.18 12.24 12.92
CA LEU A 51 9.40 12.66 13.62
C LEU A 51 10.57 12.87 12.62
N ARG A 52 10.79 14.14 12.24
CA ARG A 52 11.95 14.52 11.42
C ARG A 52 13.02 15.13 12.32
N GLN A 53 14.25 14.59 12.27
CA GLN A 53 15.35 15.12 13.10
C GLN A 53 15.73 16.56 12.76
N HIS A 59 15.63 14.58 3.82
CA HIS A 59 14.70 14.08 2.82
C HIS A 59 13.32 14.00 3.42
N ILE A 60 12.30 14.15 2.57
CA ILE A 60 10.91 13.91 2.97
C ILE A 60 10.75 12.42 3.36
N ALA A 61 11.76 11.64 3.02
CA ALA A 61 11.82 10.21 3.32
C ALA A 61 12.50 9.90 4.67
N ASP A 62 13.33 10.82 5.19
CA ASP A 62 14.02 10.60 6.45
C ASP A 62 13.14 11.07 7.60
N ARG A 63 12.58 10.10 8.32
CA ARG A 63 11.58 10.38 9.37
C ARG A 63 11.18 9.08 10.05
N ILE A 64 10.56 9.20 11.23
CA ILE A 64 9.86 8.09 11.86
C ILE A 64 8.41 8.50 12.11
N ILE A 65 7.48 7.65 11.71
CA ILE A 65 6.06 8.00 11.75
C ILE A 65 5.36 7.07 12.72
N ALA A 66 4.60 7.71 13.61
CA ALA A 66 3.70 7.06 14.56
C ALA A 66 2.31 7.02 13.94
N MSE A 67 1.75 5.81 13.84
CA MSE A 67 0.48 5.58 13.16
C MSE A 67 -0.46 4.82 14.07
O MSE A 67 -0.62 3.61 13.93
CB MSE A 67 0.82 4.83 11.87
CG MSE A 67 1.37 5.83 10.84
SE MSE A 67 1.61 4.99 9.09
CE MSE A 67 -0.22 5.07 8.35
N PRO A 68 -1.09 5.52 15.02
CA PRO A 68 -1.99 4.78 15.92
C PRO A 68 -3.42 4.62 15.35
N SER A 69 -4.09 3.53 15.68
CA SER A 69 -5.51 3.39 15.32
C SER A 69 -6.23 2.37 16.20
N HIS A 70 -7.56 2.43 16.17
CA HIS A 70 -8.43 1.42 16.78
C HIS A 70 -9.38 1.02 15.67
N ILE A 71 -9.61 -0.26 15.55
CA ILE A 71 -10.60 -0.79 14.62
C ILE A 71 -11.65 -1.38 15.52
N GLY A 72 -12.88 -0.89 15.40
CA GLY A 72 -13.99 -1.45 16.17
C GLY A 72 -14.47 -2.74 15.54
N GLY A 73 -15.63 -3.20 16.01
CA GLY A 73 -16.26 -4.37 15.40
C GLY A 73 -16.18 -5.59 16.29
N GLU A 74 -16.78 -6.67 15.81
CA GLU A 74 -16.90 -7.90 16.60
C GLU A 74 -15.56 -8.31 17.20
N HIS A 75 -14.48 -8.08 16.45
CA HIS A 75 -13.12 -8.32 16.95
C HIS A 75 -12.23 -7.08 16.88
N ALA A 76 -12.57 -6.13 17.77
CA ALA A 76 -11.90 -4.83 17.86
C ALA A 76 -10.45 -5.00 18.28
N ILE A 77 -9.61 -4.08 17.84
CA ILE A 77 -8.21 -4.14 18.18
C ILE A 77 -7.64 -2.74 18.12
N SER A 78 -6.72 -2.45 19.03
CA SER A 78 -5.97 -1.21 18.99
C SER A 78 -4.50 -1.50 18.71
N GLY A 79 -3.75 -0.46 18.32
CA GLY A 79 -2.32 -0.62 18.13
C GLY A 79 -1.72 0.57 17.45
N ILE A 80 -0.41 0.50 17.18
CA ILE A 80 0.32 1.61 16.55
C ILE A 80 1.39 1.00 15.66
N LYS A 81 1.63 1.61 14.50
CA LYS A 81 2.78 1.26 13.67
C LYS A 81 3.78 2.40 13.82
N TRP A 82 5.01 2.01 14.20
CA TRP A 82 6.09 2.97 14.45
C TRP A 82 7.18 2.61 13.47
N ILE A 83 7.17 3.38 12.39
CA ILE A 83 7.87 2.98 11.20
C ILE A 83 8.76 4.11 10.70
N GLY A 84 10.02 3.78 10.45
CA GLY A 84 10.94 4.81 10.00
C GLY A 84 11.66 4.50 8.72
N SER A 85 12.31 5.52 8.19
CA SER A 85 13.02 5.41 6.92
C SER A 85 14.27 6.27 7.00
N LYS A 86 15.33 5.80 6.36
CA LYS A 86 16.52 6.61 6.06
C LYS A 86 16.86 6.37 4.60
N HIS A 87 16.63 7.38 3.75
CA HIS A 87 16.91 7.31 2.31
C HIS A 87 18.22 6.60 2.04
N ASP A 88 19.15 6.85 2.95
CA ASP A 88 20.55 6.47 2.91
C ASP A 88 20.86 5.00 3.19
N ASN A 89 20.02 4.32 3.98
CA ASN A 89 20.31 2.97 4.47
C ASN A 89 20.76 1.95 3.41
N PRO A 90 20.01 1.82 2.29
CA PRO A 90 20.50 0.85 1.31
C PRO A 90 21.87 1.23 0.71
N SER A 91 22.00 2.49 0.27
N SER A 91 22.00 2.49 0.27
CA SER A 91 23.19 2.98 -0.43
CA SER A 91 23.20 2.98 -0.42
C SER A 91 24.46 3.05 0.44
C SER A 91 24.47 3.06 0.44
N LYS A 92 24.34 3.65 1.63
CA LYS A 92 25.48 3.86 2.53
C LYS A 92 25.75 2.74 3.53
N ARG A 93 24.75 1.91 3.81
CA ARG A 93 24.81 0.99 4.95
C ARG A 93 24.38 -0.43 4.63
N ASN A 94 23.93 -0.65 3.40
CA ASN A 94 23.49 -1.98 2.99
C ASN A 94 22.38 -2.52 3.95
N MSE A 95 21.48 -1.63 4.34
CA MSE A 95 20.32 -1.97 5.16
C MSE A 95 19.10 -1.53 4.43
O MSE A 95 19.16 -0.63 3.60
CB MSE A 95 20.38 -1.14 6.41
CG MSE A 95 21.23 -1.81 7.46
SE MSE A 95 21.26 -0.48 8.91
CE MSE A 95 22.99 -1.07 9.62
N GLU A 96 17.97 -2.16 4.74
CA GLU A 96 16.71 -1.70 4.17
C GLU A 96 16.39 -0.27 4.61
N ARG A 97 15.74 0.46 3.71
CA ARG A 97 15.38 1.84 3.93
C ARG A 97 14.40 1.95 5.11
N ALA A 98 13.27 1.25 5.00
CA ALA A 98 12.23 1.25 6.02
C ALA A 98 12.54 0.23 7.08
N SER A 99 12.11 0.53 8.31
CA SER A 99 12.15 -0.38 9.44
C SER A 99 11.08 0.04 10.44
N GLY A 100 10.70 -0.88 11.33
CA GLY A 100 9.74 -0.52 12.36
C GLY A 100 9.18 -1.65 13.18
N VAL A 101 8.33 -1.26 14.14
CA VAL A 101 7.56 -2.22 14.91
C VAL A 101 6.08 -1.81 14.90
N ILE A 102 5.21 -2.81 14.99
CA ILE A 102 3.82 -2.64 15.28
C ILE A 102 3.61 -3.21 16.69
N ILE A 103 2.92 -2.45 17.53
CA ILE A 103 2.48 -2.93 18.85
C ILE A 103 0.97 -3.08 18.78
N LEU A 104 0.44 -4.21 19.23
CA LEU A 104 -1.02 -4.39 19.31
C LEU A 104 -1.45 -4.27 20.75
N ASN A 105 -2.70 -3.81 20.95
CA ASN A 105 -3.28 -3.56 22.28
C ASN A 105 -4.70 -4.10 22.37
N ASP A 106 -4.98 -4.76 23.49
CA ASP A 106 -6.31 -5.28 23.83
C ASP A 106 -7.15 -4.07 24.24
N PRO A 107 -8.22 -3.78 23.48
CA PRO A 107 -8.99 -2.56 23.78
C PRO A 107 -9.76 -2.63 25.11
N GLU A 108 -9.85 -3.82 25.71
CA GLU A 108 -10.50 -4.02 27.01
C GLU A 108 -9.75 -3.34 28.16
N THR A 109 -8.42 -3.44 28.13
CA THR A 109 -7.55 -3.04 29.20
C THR A 109 -6.59 -1.96 28.72
N ASN A 110 -6.57 -1.78 27.40
CA ASN A 110 -5.51 -1.06 26.69
C ASN A 110 -4.07 -1.62 26.82
N TYR A 111 -3.89 -2.83 27.37
CA TYR A 111 -2.53 -3.42 27.52
C TYR A 111 -1.93 -3.83 26.17
N PRO A 112 -0.62 -3.65 25.99
CA PRO A 112 0.02 -4.18 24.79
C PRO A 112 0.02 -5.70 24.82
N ILE A 113 -0.25 -6.32 23.67
N ILE A 113 -0.25 -6.33 23.68
CA ILE A 113 -0.37 -7.77 23.60
CA ILE A 113 -0.35 -7.79 23.61
C ILE A 113 0.59 -8.42 22.58
C ILE A 113 0.63 -8.42 22.60
N ALA A 114 1.18 -7.61 21.70
CA ALA A 114 2.08 -8.12 20.67
C ALA A 114 3.09 -7.02 20.33
N VAL A 115 4.34 -7.42 20.06
CA VAL A 115 5.33 -6.56 19.44
C VAL A 115 5.77 -7.32 18.17
N MSE A 116 5.64 -6.67 17.00
CA MSE A 116 5.91 -7.31 15.73
C MSE A 116 6.75 -6.43 14.85
O MSE A 116 6.62 -5.20 14.88
CB MSE A 116 4.54 -7.62 15.05
CG MSE A 116 3.64 -8.35 16.05
SE MSE A 116 1.77 -8.51 15.38
CE MSE A 116 2.14 -9.32 13.64
N GLU A 117 7.64 -7.05 14.06
CA GLU A 117 8.33 -6.38 12.96
C GLU A 117 7.32 -5.75 11.99
N ALA A 118 7.59 -4.54 11.51
CA ALA A 118 6.56 -3.78 10.78
C ALA A 118 6.79 -3.67 9.28
N SER A 119 8.04 -3.77 8.84
CA SER A 119 8.26 -3.38 7.44
C SER A 119 7.66 -4.31 6.40
N LEU A 120 7.73 -5.60 6.63
CA LEU A 120 7.08 -6.56 5.73
C LEU A 120 5.56 -6.36 5.70
N ILE A 121 4.97 -6.33 6.90
CA ILE A 121 3.52 -6.08 7.03
C ILE A 121 3.13 -4.79 6.32
N SER A 122 3.91 -3.74 6.51
CA SER A 122 3.61 -2.43 5.91
C SER A 122 3.54 -2.49 4.37
N SER A 123 4.56 -3.10 3.77
CA SER A 123 4.65 -3.18 2.32
C SER A 123 3.63 -4.16 1.77
N MSE A 124 3.39 -5.26 2.48
CA MSE A 124 2.34 -6.20 2.07
C MSE A 124 0.95 -5.58 2.15
O MSE A 124 0.12 -5.79 1.25
CB MSE A 124 2.39 -7.53 2.81
CG MSE A 124 3.64 -8.38 2.51
SE MSE A 124 3.67 -9.04 0.63
CE MSE A 124 2.25 -10.38 0.79
N ARG A 125 0.67 -4.82 3.19
CA ARG A 125 -0.69 -4.20 3.26
C ARG A 125 -0.89 -3.16 2.15
N THR A 126 0.17 -2.42 1.82
CA THR A 126 0.12 -1.43 0.74
C THR A 126 -0.11 -2.12 -0.61
N ALA A 127 0.54 -3.28 -0.82
CA ALA A 127 0.22 -4.09 -2.01
C ALA A 127 -1.25 -4.59 -2.03
N ALA A 128 -1.78 -4.96 -0.87
CA ALA A 128 -3.19 -5.42 -0.81
C ALA A 128 -4.14 -4.29 -1.11
N VAL A 129 -3.76 -3.06 -0.75
CA VAL A 129 -4.51 -1.87 -1.18
C VAL A 129 -4.66 -1.87 -2.71
N SER A 130 -3.56 -2.09 -3.42
CA SER A 130 -3.58 -2.11 -4.90
C SER A 130 -4.43 -3.27 -5.39
N VAL A 131 -4.28 -4.44 -4.78
CA VAL A 131 -5.07 -5.61 -5.17
C VAL A 131 -6.57 -5.32 -5.07
N ILE A 132 -7.00 -4.87 -3.90
CA ILE A 132 -8.42 -4.63 -3.65
C ILE A 132 -8.96 -3.53 -4.59
N ALA A 133 -8.20 -2.45 -4.73
CA ALA A 133 -8.60 -1.39 -5.65
C ALA A 133 -8.70 -1.95 -7.07
N ALA A 134 -7.74 -2.79 -7.47
CA ALA A 134 -7.74 -3.32 -8.84
C ALA A 134 -8.96 -4.21 -9.07
N LYS A 135 -9.35 -4.98 -8.06
CA LYS A 135 -10.53 -5.86 -8.17
C LYS A 135 -11.75 -5.01 -8.51
N HIS A 136 -11.77 -3.76 -8.02
CA HIS A 136 -12.89 -2.85 -8.28
C HIS A 136 -12.73 -1.89 -9.45
N LEU A 137 -11.49 -1.53 -9.74
CA LEU A 137 -11.21 -0.44 -10.67
C LEU A 137 -10.41 -0.77 -11.92
N ALA A 138 -9.75 -1.94 -11.98
CA ALA A 138 -8.98 -2.34 -13.17
C ALA A 138 -9.91 -2.99 -14.18
N LYS A 139 -9.57 -2.95 -15.47
CA LYS A 139 -10.36 -3.74 -16.44
C LYS A 139 -10.26 -5.23 -16.10
N LYS A 140 -11.37 -5.94 -16.22
CA LYS A 140 -11.42 -7.37 -15.93
C LYS A 140 -10.53 -8.12 -16.90
N GLY A 141 -9.70 -9.04 -16.43
CA GLY A 141 -8.87 -9.83 -17.33
C GLY A 141 -7.60 -9.14 -17.83
N PHE A 142 -7.24 -8.00 -17.25
CA PHE A 142 -6.12 -7.20 -17.78
C PHE A 142 -4.85 -8.04 -17.90
N LYS A 143 -4.10 -7.82 -18.98
CA LYS A 143 -2.89 -8.61 -19.28
C LYS A 143 -1.56 -7.91 -18.95
N ASP A 144 -1.55 -6.57 -19.04
CA ASP A 144 -0.31 -5.78 -18.86
C ASP A 144 -0.23 -4.99 -17.53
N LEU A 145 0.77 -5.33 -16.71
CA LEU A 145 1.02 -4.63 -15.47
C LEU A 145 2.30 -3.78 -15.57
N THR A 146 2.25 -2.58 -15.01
CA THR A 146 3.44 -1.74 -14.94
C THR A 146 3.85 -1.46 -13.49
N ILE A 147 5.12 -1.73 -13.17
CA ILE A 147 5.71 -1.37 -11.90
C ILE A 147 6.76 -0.29 -12.15
N ILE A 148 6.65 0.85 -11.43
CA ILE A 148 7.70 1.88 -11.47
C ILE A 148 8.36 1.91 -10.11
N GLY A 149 9.64 1.54 -10.05
CA GLY A 149 10.40 1.48 -8.81
C GLY A 149 10.62 0.05 -8.37
N CYS A 150 11.88 -0.33 -8.22
CA CYS A 150 12.24 -1.73 -8.00
C CYS A 150 12.70 -2.06 -6.58
N GLY A 151 12.28 -1.26 -5.61
CA GLY A 151 12.61 -1.52 -4.23
C GLY A 151 11.71 -2.58 -3.63
N LEU A 152 11.68 -2.63 -2.31
CA LEU A 152 10.85 -3.60 -1.62
C LEU A 152 9.37 -3.33 -1.78
N ILE A 153 8.99 -2.06 -1.92
CA ILE A 153 7.59 -1.72 -2.21
C ILE A 153 7.20 -2.30 -3.57
N GLY A 154 7.92 -1.92 -4.63
CA GLY A 154 7.69 -2.50 -5.97
C GLY A 154 7.62 -4.04 -5.94
N ASP A 155 8.60 -4.65 -5.27
CA ASP A 155 8.64 -6.12 -5.10
C ASP A 155 7.37 -6.74 -4.48
N LYS A 156 6.82 -6.12 -3.43
CA LYS A 156 5.63 -6.69 -2.79
C LYS A 156 4.39 -6.40 -3.61
N GLN A 157 4.38 -5.23 -4.26
CA GLN A 157 3.32 -4.86 -5.18
C GLN A 157 3.23 -5.92 -6.30
N LEU A 158 4.38 -6.19 -6.91
CA LEU A 158 4.41 -7.20 -7.98
C LEU A 158 4.00 -8.58 -7.48
N GLN A 159 4.62 -9.05 -6.39
CA GLN A 159 4.32 -10.37 -5.86
C GLN A 159 2.81 -10.57 -5.64
N SER A 160 2.20 -9.54 -5.04
CA SER A 160 0.78 -9.59 -4.67
C SER A 160 -0.14 -9.54 -5.88
N MSE A 161 0.19 -8.71 -6.86
CA MSE A 161 -0.63 -8.65 -8.09
C MSE A 161 -0.60 -10.01 -8.80
O MSE A 161 -1.64 -10.55 -9.25
CB MSE A 161 -0.10 -7.54 -8.99
CG MSE A 161 -0.32 -6.14 -8.33
SE MSE A 161 -2.22 -5.63 -8.10
CE MSE A 161 -2.65 -5.51 -10.00
N LEU A 162 0.60 -10.56 -8.90
CA LEU A 162 0.78 -11.87 -9.55
C LEU A 162 0.00 -12.98 -8.81
N GLU A 163 0.02 -12.96 -7.48
CA GLU A 163 -0.73 -13.93 -6.71
C GLU A 163 -2.22 -13.78 -6.94
N GLN A 164 -2.67 -12.54 -7.12
CA GLN A 164 -4.12 -12.25 -7.10
C GLN A 164 -4.78 -12.20 -8.46
N PHE A 165 -3.97 -12.02 -9.51
CA PHE A 165 -4.47 -11.86 -10.88
C PHE A 165 -3.67 -12.75 -11.86
N ASP A 166 -4.18 -13.95 -12.14
CA ASP A 166 -3.43 -14.96 -12.91
C ASP A 166 -3.48 -14.73 -14.41
N HIS A 167 -4.26 -13.74 -14.84
CA HIS A 167 -4.32 -13.35 -16.24
C HIS A 167 -3.22 -12.35 -16.66
N ILE A 168 -2.36 -11.95 -15.74
CA ILE A 168 -1.30 -11.02 -16.10
C ILE A 168 -0.29 -11.77 -16.98
N GLU A 169 0.04 -11.19 -18.13
CA GLU A 169 0.89 -11.89 -19.09
C GLU A 169 2.23 -11.16 -19.26
N ARG A 170 2.20 -9.84 -19.08
CA ARG A 170 3.40 -9.05 -19.26
C ARG A 170 3.49 -8.06 -18.11
N VAL A 171 4.73 -7.77 -17.71
CA VAL A 171 5.03 -6.82 -16.64
C VAL A 171 6.10 -5.84 -17.16
N PHE A 172 5.69 -4.58 -17.30
CA PHE A 172 6.59 -3.51 -17.72
C PHE A 172 7.25 -2.90 -16.48
N VAL A 173 8.56 -2.75 -16.52
CA VAL A 173 9.30 -2.41 -15.29
C VAL A 173 10.25 -1.29 -15.62
N TYR A 174 10.25 -0.25 -14.78
CA TYR A 174 11.20 0.85 -14.86
C TYR A 174 11.64 1.24 -13.46
N ASP A 175 12.95 1.46 -13.35
CA ASP A 175 13.53 2.14 -12.21
C ASP A 175 14.59 3.07 -12.78
N GLN A 176 14.65 4.28 -12.23
CA GLN A 176 15.56 5.29 -12.75
C GLN A 176 17.01 4.88 -12.49
N PHE A 177 17.21 4.00 -11.51
CA PHE A 177 18.49 3.34 -11.32
C PHE A 177 18.47 2.02 -12.11
N SER A 178 18.90 2.11 -13.38
CA SER A 178 18.75 1.03 -14.37
C SER A 178 19.27 -0.31 -13.84
N GLU A 179 20.33 -0.25 -13.07
CA GLU A 179 20.86 -1.38 -12.33
C GLU A 179 19.84 -2.09 -11.41
N ALA A 180 19.08 -1.31 -10.63
CA ALA A 180 18.07 -1.88 -9.76
C ALA A 180 17.01 -2.56 -10.60
N CYS A 181 16.64 -1.92 -11.70
CA CYS A 181 15.68 -2.47 -12.67
C CYS A 181 16.11 -3.87 -13.21
N ALA A 182 17.37 -3.96 -13.66
CA ALA A 182 17.92 -5.18 -14.27
C ALA A 182 17.93 -6.37 -13.30
N ARG A 183 18.37 -6.13 -12.07
CA ARG A 183 18.37 -7.15 -11.00
C ARG A 183 16.94 -7.62 -10.66
N PHE A 184 16.02 -6.67 -10.59
CA PHE A 184 14.62 -6.94 -10.29
C PHE A 184 14.02 -7.80 -11.41
N VAL A 185 14.20 -7.39 -12.66
CA VAL A 185 13.64 -8.16 -13.79
C VAL A 185 14.26 -9.56 -13.85
N ASP A 186 15.58 -9.65 -13.69
CA ASP A 186 16.27 -10.94 -13.75
C ASP A 186 15.68 -11.94 -12.74
N ARG A 187 15.57 -11.53 -11.47
CA ARG A 187 15.05 -12.42 -10.42
C ARG A 187 13.61 -12.85 -10.71
N TRP A 188 12.77 -11.88 -11.09
CA TRP A 188 11.35 -12.15 -11.35
C TRP A 188 11.17 -12.98 -12.60
N GLN A 189 12.01 -12.74 -13.62
CA GLN A 189 11.93 -13.55 -14.83
C GLN A 189 12.16 -15.02 -14.49
N GLN A 190 13.09 -15.28 -13.58
CA GLN A 190 13.33 -16.65 -13.12
C GLN A 190 12.20 -17.17 -12.24
N GLN A 191 11.64 -16.29 -11.40
CA GLN A 191 10.55 -16.70 -10.52
C GLN A 191 9.32 -17.08 -11.31
N ARG A 192 9.07 -16.37 -12.41
CA ARG A 192 7.89 -16.58 -13.25
C ARG A 192 8.26 -16.60 -14.75
N PRO A 193 8.77 -17.76 -15.24
CA PRO A 193 9.34 -17.86 -16.59
C PRO A 193 8.37 -17.63 -17.76
N GLU A 194 7.08 -17.92 -17.58
CA GLU A 194 6.08 -17.75 -18.67
C GLU A 194 5.69 -16.29 -18.87
N ILE A 195 5.83 -15.47 -17.83
CA ILE A 195 5.45 -14.05 -17.90
C ILE A 195 6.59 -13.30 -18.55
N ASN A 196 6.29 -12.42 -19.50
CA ASN A 196 7.35 -11.57 -20.07
C ASN A 196 7.58 -10.33 -19.20
N PHE A 197 8.73 -10.27 -18.54
CA PHE A 197 9.11 -9.04 -17.86
C PHE A 197 9.94 -8.19 -18.80
N ILE A 198 9.55 -6.93 -18.97
CA ILE A 198 10.22 -6.05 -19.90
C ILE A 198 10.79 -4.86 -19.16
N ALA A 199 12.11 -4.74 -19.13
CA ALA A 199 12.81 -3.55 -18.63
C ALA A 199 12.68 -2.45 -19.67
N THR A 200 12.10 -1.31 -19.30
CA THR A 200 11.87 -0.23 -20.23
C THR A 200 12.97 0.83 -20.15
N GLU A 201 13.12 1.61 -21.22
CA GLU A 201 14.19 2.61 -21.29
C GLU A 201 13.89 3.89 -20.51
N ASN A 202 12.62 4.12 -20.23
CA ASN A 202 12.22 5.29 -19.49
C ASN A 202 10.86 5.04 -18.86
N ALA A 203 10.42 5.93 -17.98
CA ALA A 203 9.15 5.74 -17.28
C ALA A 203 7.99 5.86 -18.27
N LYS A 204 8.12 6.72 -19.28
CA LYS A 204 7.06 6.92 -20.24
C LYS A 204 6.71 5.62 -20.95
N GLU A 205 7.71 4.93 -21.50
CA GLU A 205 7.49 3.61 -22.09
C GLU A 205 6.77 2.67 -21.11
N ALA A 206 7.26 2.55 -19.89
CA ALA A 206 6.60 1.68 -18.91
C ALA A 206 5.11 2.03 -18.67
N VAL A 207 4.84 3.29 -18.31
CA VAL A 207 3.48 3.76 -18.04
C VAL A 207 2.54 3.59 -19.25
N SER A 208 3.00 4.01 -20.44
CA SER A 208 2.25 3.86 -21.70
C SER A 208 1.75 2.46 -22.01
N ASN A 209 2.45 1.43 -21.54
CA ASN A 209 2.09 0.05 -21.81
C ASN A 209 1.18 -0.67 -20.80
N GLY A 210 1.04 -0.10 -19.61
CA GLY A 210 0.34 -0.78 -18.50
C GLY A 210 -1.17 -0.59 -18.51
N GLU A 211 -1.92 -1.68 -18.39
CA GLU A 211 -3.36 -1.54 -18.12
C GLU A 211 -3.57 -1.26 -16.62
N VAL A 212 -2.64 -1.74 -15.79
CA VAL A 212 -2.59 -1.34 -14.40
C VAL A 212 -1.19 -0.77 -14.19
N VAL A 213 -1.11 0.42 -13.63
CA VAL A 213 0.18 1.10 -13.38
C VAL A 213 0.29 1.32 -11.86
N ILE A 214 1.39 0.86 -11.25
CA ILE A 214 1.62 1.06 -9.83
C ILE A 214 2.93 1.84 -9.58
N THR A 215 2.86 2.92 -8.84
CA THR A 215 4.03 3.76 -8.61
C THR A 215 4.63 3.43 -7.26
N CYS A 216 5.91 3.06 -7.25
CA CYS A 216 6.59 2.56 -6.07
C CYS A 216 7.96 3.24 -5.94
N THR A 217 8.03 4.54 -6.17
CA THR A 217 9.31 5.26 -6.12
C THR A 217 9.45 6.05 -4.82
N VAL A 218 10.52 6.84 -4.74
CA VAL A 218 10.78 7.65 -3.53
C VAL A 218 11.09 9.13 -3.82
N THR A 219 10.80 9.56 -5.05
CA THR A 219 10.93 10.97 -5.43
C THR A 219 9.76 11.75 -4.87
N ASP A 220 9.84 13.08 -4.95
CA ASP A 220 8.69 13.90 -4.60
C ASP A 220 8.35 14.87 -5.72
N GLN A 221 8.89 14.60 -6.91
CA GLN A 221 8.55 15.36 -8.11
C GLN A 221 7.74 14.49 -9.11
N PRO A 222 6.57 14.98 -9.54
CA PRO A 222 5.74 14.20 -10.48
C PRO A 222 6.32 14.17 -11.90
N TYR A 223 6.20 13.03 -12.55
CA TYR A 223 6.64 12.84 -13.93
C TYR A 223 5.53 12.20 -14.77
N ILE A 224 4.64 11.45 -14.12
CA ILE A 224 3.57 10.78 -14.88
C ILE A 224 2.61 11.80 -15.48
N GLU A 225 2.54 11.80 -16.81
CA GLU A 225 1.65 12.74 -17.51
C GLU A 225 0.36 12.06 -17.95
N TYR A 226 -0.73 12.82 -18.02
CA TYR A 226 -2.04 12.23 -18.31
C TYR A 226 -2.08 11.49 -19.64
N ASP A 227 -1.43 12.04 -20.66
CA ASP A 227 -1.51 11.39 -21.96
C ASP A 227 -0.60 10.17 -22.13
N TRP A 228 0.19 9.81 -21.13
CA TRP A 228 0.89 8.51 -21.13
C TRP A 228 -0.11 7.40 -20.85
N LEU A 229 -1.28 7.77 -20.35
CA LEU A 229 -2.17 6.76 -19.81
C LEU A 229 -3.04 6.21 -20.93
N GLN A 230 -3.03 4.88 -21.05
CA GLN A 230 -3.88 4.19 -22.00
C GLN A 230 -5.32 4.41 -21.60
N LYS A 231 -6.20 4.48 -22.58
CA LYS A 231 -7.62 4.41 -22.24
C LYS A 231 -7.87 3.09 -21.53
N GLY A 232 -8.68 3.13 -20.49
CA GLY A 232 -8.96 1.94 -19.70
C GLY A 232 -7.96 1.63 -18.62
N ALA A 233 -6.97 2.51 -18.38
CA ALA A 233 -5.94 2.26 -17.37
C ALA A 233 -6.44 2.49 -15.94
N PHE A 234 -5.88 1.72 -15.02
CA PHE A 234 -6.03 1.98 -13.62
C PHE A 234 -4.65 2.26 -13.07
N ILE A 235 -4.51 3.39 -12.41
CA ILE A 235 -3.24 3.70 -11.83
C ILE A 235 -3.35 3.74 -10.32
N SER A 236 -2.51 2.91 -9.68
CA SER A 236 -2.48 2.87 -8.22
C SER A 236 -1.28 3.64 -7.78
N ASN A 237 -1.53 4.84 -7.31
CA ASN A 237 -0.42 5.80 -7.10
C ASN A 237 0.07 5.68 -5.67
N ILE A 238 0.60 4.49 -5.37
CA ILE A 238 1.12 4.13 -4.07
C ILE A 238 2.21 5.10 -3.52
N SER A 239 3.10 5.62 -4.36
CA SER A 239 4.15 6.52 -3.83
C SER A 239 3.82 8.03 -3.87
N ILE A 240 2.57 8.34 -4.22
CA ILE A 240 1.88 9.63 -4.00
C ILE A 240 2.27 10.79 -4.93
N MSE A 241 3.55 11.11 -4.98
CA MSE A 241 4.01 12.32 -5.65
C MSE A 241 4.37 12.11 -7.10
O MSE A 241 4.75 13.05 -7.77
CB MSE A 241 5.25 12.80 -4.88
CG MSE A 241 4.94 13.26 -3.45
SE MSE A 241 3.52 14.64 -3.47
CE MSE A 241 4.42 16.01 -4.58
N ASP A 242 4.24 10.88 -7.59
CA ASP A 242 4.67 10.51 -8.95
C ASP A 242 3.81 11.12 -10.06
N VAL A 243 2.56 11.41 -9.71
CA VAL A 243 1.55 11.75 -10.71
C VAL A 243 1.37 13.26 -10.83
N HIS A 244 1.46 13.78 -12.07
CA HIS A 244 1.18 15.21 -12.28
C HIS A 244 -0.24 15.59 -11.89
N LYS A 245 -0.43 16.86 -11.52
CA LYS A 245 -1.74 17.36 -11.06
C LYS A 245 -2.86 17.21 -12.09
N GLU A 246 -2.50 17.40 -13.36
CA GLU A 246 -3.45 17.23 -14.47
C GLU A 246 -4.18 15.88 -14.46
N VAL A 247 -3.48 14.83 -14.02
CA VAL A 247 -4.05 13.50 -13.92
C VAL A 247 -5.27 13.47 -13.00
N PHE A 248 -5.15 14.11 -11.83
CA PHE A 248 -6.26 14.26 -10.89
C PHE A 248 -7.45 14.98 -11.51
N ILE A 249 -7.13 15.93 -12.39
CA ILE A 249 -8.15 16.75 -13.05
C ILE A 249 -8.74 16.03 -14.26
N LYS A 250 -7.93 15.25 -14.96
CA LYS A 250 -8.40 14.59 -16.18
C LYS A 250 -8.91 13.15 -16.05
N ALA A 251 -8.52 12.44 -14.98
CA ALA A 251 -9.00 11.06 -14.82
C ALA A 251 -10.50 11.11 -14.76
N ASP A 252 -11.14 10.07 -15.26
CA ASP A 252 -12.60 9.97 -15.16
C ASP A 252 -13.05 9.73 -13.73
N LYS A 253 -12.23 9.02 -12.95
CA LYS A 253 -12.52 8.75 -11.55
C LYS A 253 -11.28 8.86 -10.69
N VAL A 254 -11.41 9.55 -9.56
CA VAL A 254 -10.37 9.59 -8.57
C VAL A 254 -10.91 8.94 -7.29
N VAL A 255 -10.16 7.96 -6.79
CA VAL A 255 -10.51 7.25 -5.56
C VAL A 255 -9.40 7.49 -4.56
N VAL A 256 -9.79 7.64 -3.30
CA VAL A 256 -8.80 7.78 -2.23
C VAL A 256 -9.10 6.74 -1.16
N ASP A 257 -8.20 6.58 -0.20
CA ASP A 257 -8.53 5.75 0.94
C ASP A 257 -9.33 6.57 1.97
N ASP A 258 -8.89 7.79 2.24
CA ASP A 258 -9.57 8.62 3.23
C ASP A 258 -9.54 10.08 2.83
N TRP A 259 -10.72 10.66 2.62
CA TRP A 259 -10.80 12.03 2.12
C TRP A 259 -10.16 13.08 3.04
N SER A 260 -10.51 13.02 4.33
CA SER A 260 -9.97 13.94 5.33
C SER A 260 -8.44 13.91 5.41
N GLN A 261 -7.83 12.72 5.29
CA GLN A 261 -6.36 12.63 5.24
C GLN A 261 -5.74 13.31 4.01
N CYS A 262 -6.29 13.04 2.82
CA CYS A 262 -5.82 13.62 1.55
C CYS A 262 -5.93 15.12 1.50
N ASN A 263 -6.96 15.62 2.18
CA ASN A 263 -7.30 17.03 2.15
C ASN A 263 -6.63 17.78 3.31
N ARG A 264 -5.60 17.18 3.90
CA ARG A 264 -4.79 17.88 4.91
C ARG A 264 -3.80 18.82 4.25
N GLU A 265 -3.44 19.88 4.96
CA GLU A 265 -2.73 21.04 4.41
C GLU A 265 -1.21 20.94 4.38
N LYS A 266 -0.63 20.96 3.18
CA LYS A 266 -1.36 20.90 1.92
C LYS A 266 -0.76 19.84 0.98
N LYS A 267 -1.39 18.68 0.96
CA LYS A 267 -1.03 17.63 0.01
C LYS A 267 -1.57 18.02 -1.37
N THR A 268 -1.25 17.24 -2.39
CA THR A 268 -1.63 17.55 -3.77
C THR A 268 -3.13 17.82 -3.93
N ILE A 269 -3.96 17.00 -3.30
CA ILE A 269 -5.41 17.14 -3.40
C ILE A 269 -5.89 18.40 -2.66
N ASN A 270 -5.29 18.69 -1.52
CA ASN A 270 -5.63 19.91 -0.81
C ASN A 270 -5.30 21.18 -1.59
N GLN A 271 -4.16 21.14 -2.29
CA GLN A 271 -3.75 22.25 -3.14
C GLN A 271 -4.75 22.43 -4.27
N LEU A 272 -5.20 21.31 -4.84
CA LEU A 272 -6.24 21.35 -5.84
C LEU A 272 -7.55 21.92 -5.33
N VAL A 273 -7.97 21.51 -4.12
CA VAL A 273 -9.18 22.05 -3.50
C VAL A 273 -9.07 23.55 -3.21
N LEU A 274 -7.93 23.98 -2.65
CA LEU A 274 -7.70 25.38 -2.29
C LEU A 274 -7.75 26.37 -3.47
N GLU A 275 -7.24 25.95 -4.62
CA GLU A 275 -7.59 26.63 -5.87
C GLU A 275 -8.99 26.09 -6.19
N GLY A 276 -9.56 26.38 -7.35
CA GLY A 276 -10.92 25.88 -7.57
C GLY A 276 -11.04 24.60 -8.37
N LYS A 277 -10.14 23.64 -8.18
CA LYS A 277 -9.95 22.60 -9.21
C LYS A 277 -10.40 21.17 -8.85
N PHE A 278 -10.70 20.96 -7.58
CA PHE A 278 -11.19 19.69 -7.09
C PHE A 278 -11.98 19.97 -5.82
N SER A 279 -12.86 19.04 -5.44
CA SER A 279 -13.68 19.16 -4.25
C SER A 279 -14.14 17.77 -3.88
N LYS A 280 -14.60 17.57 -2.65
CA LYS A 280 -15.18 16.28 -2.26
C LYS A 280 -16.24 15.83 -3.28
N GLU A 281 -16.92 16.81 -3.89
CA GLU A 281 -17.92 16.59 -4.94
C GLU A 281 -17.31 15.91 -6.18
N ALA A 282 -16.08 16.27 -6.54
CA ALA A 282 -15.40 15.68 -7.69
C ALA A 282 -14.88 14.25 -7.45
N LEU A 283 -14.66 13.90 -6.18
CA LEU A 283 -14.15 12.59 -5.80
C LEU A 283 -15.16 11.51 -6.10
N HIS A 284 -14.74 10.44 -6.77
CA HIS A 284 -15.67 9.33 -7.07
C HIS A 284 -16.00 8.48 -5.83
N ALA A 285 -14.98 8.16 -5.02
CA ALA A 285 -15.22 7.25 -3.91
C ALA A 285 -14.07 7.28 -2.95
N GLU A 286 -14.37 6.92 -1.69
CA GLU A 286 -13.36 6.30 -0.83
C GLU A 286 -13.33 4.79 -1.10
N LEU A 287 -12.16 4.20 -0.98
CA LEU A 287 -11.95 2.78 -1.25
C LEU A 287 -12.93 1.87 -0.50
N GLY A 288 -13.11 2.13 0.80
CA GLY A 288 -14.03 1.34 1.63
C GLY A 288 -15.42 1.30 1.03
N GLN A 289 -15.83 2.41 0.43
CA GLN A 289 -17.15 2.52 -0.19
C GLN A 289 -17.34 1.61 -1.40
N LEU A 290 -16.24 1.38 -2.12
CA LEU A 290 -16.21 0.38 -3.18
C LEU A 290 -16.29 -1.03 -2.59
N VAL A 291 -15.56 -1.29 -1.50
CA VAL A 291 -15.60 -2.62 -0.87
C VAL A 291 -17.03 -3.00 -0.44
N THR A 292 -17.76 -2.05 0.12
CA THR A 292 -19.10 -2.32 0.69
C THR A 292 -20.18 -2.43 -0.39
N GLY A 293 -19.83 -2.07 -1.62
CA GLY A 293 -20.78 -2.06 -2.73
C GLY A 293 -21.66 -0.83 -2.66
N ASP A 294 -21.23 0.14 -1.86
CA ASP A 294 -21.89 1.42 -1.66
C ASP A 294 -21.89 2.29 -2.91
N ILE A 295 -20.79 2.24 -3.66
CA ILE A 295 -20.55 3.09 -4.83
C ILE A 295 -19.87 2.20 -5.88
N PRO A 296 -20.33 2.27 -7.15
CA PRO A 296 -19.77 1.41 -8.20
C PRO A 296 -18.29 1.69 -8.40
N GLY A 297 -17.60 0.70 -8.98
CA GLY A 297 -16.18 0.79 -9.32
C GLY A 297 -16.06 1.17 -10.78
N ARG A 298 -15.16 0.52 -11.51
CA ARG A 298 -15.06 0.74 -12.97
C ARG A 298 -16.42 0.48 -13.59
N GLU A 299 -16.87 1.35 -14.49
CA GLU A 299 -18.18 1.20 -15.15
C GLU A 299 -18.07 0.94 -16.66
N ASP A 300 -16.94 1.26 -17.25
CA ASP A 300 -16.66 0.88 -18.66
C ASP A 300 -15.16 0.79 -18.86
N ASP A 301 -14.77 0.26 -20.01
CA ASP A 301 -13.39 -0.10 -20.26
C ASP A 301 -12.53 1.01 -20.87
N ASP A 302 -13.12 2.20 -21.03
CA ASP A 302 -12.36 3.37 -21.51
C ASP A 302 -11.97 4.30 -20.36
N GLU A 303 -12.75 4.26 -19.27
CA GLU A 303 -12.45 5.05 -18.07
C GLU A 303 -10.98 4.94 -17.71
N ILE A 304 -10.35 6.09 -17.47
CA ILE A 304 -9.02 6.12 -16.86
C ILE A 304 -9.24 6.45 -15.38
N ILE A 305 -8.75 5.58 -14.49
CA ILE A 305 -9.09 5.66 -13.06
C ILE A 305 -7.81 5.78 -12.18
N LEU A 306 -7.79 6.78 -11.31
CA LEU A 306 -6.66 7.02 -10.41
C LEU A 306 -7.01 6.73 -8.95
N LEU A 307 -6.24 5.84 -8.31
CA LEU A 307 -6.30 5.70 -6.85
C LEU A 307 -5.12 6.44 -6.19
N ASN A 308 -5.43 7.32 -5.23
CA ASN A 308 -4.42 8.10 -4.52
C ASN A 308 -4.56 7.88 -3.00
N PRO A 309 -3.91 6.83 -2.46
CA PRO A 309 -4.11 6.45 -1.05
C PRO A 309 -3.07 7.11 -0.14
N MSE A 310 -3.51 7.73 0.94
CA MSE A 310 -2.54 8.30 1.89
C MSE A 310 -1.82 7.20 2.61
O MSE A 310 -0.64 7.34 2.93
CB MSE A 310 -3.17 9.26 2.89
CG MSE A 310 -3.80 10.45 2.18
SE MSE A 310 -2.48 11.53 1.16
CE MSE A 310 -2.94 10.93 -0.66
N GLY A 311 -2.50 6.07 2.83
CA GLY A 311 -1.97 5.01 3.71
C GLY A 311 -2.63 5.20 5.07
N MSE A 312 -3.16 4.13 5.65
CA MSE A 312 -3.91 4.27 6.91
C MSE A 312 -3.52 3.24 7.93
O MSE A 312 -3.41 2.05 7.60
CB MSE A 312 -5.42 4.12 6.69
CG MSE A 312 -6.02 5.13 5.72
SE MSE A 312 -7.99 4.86 5.70
CE MSE A 312 -8.07 3.03 4.97
N ALA A 313 -3.35 3.67 9.19
CA ALA A 313 -3.03 2.80 10.35
C ALA A 313 -3.94 1.58 10.51
N ILE A 314 -5.24 1.73 10.23
CA ILE A 314 -6.13 0.60 10.44
C ILE A 314 -5.73 -0.60 9.58
N GLU A 315 -5.15 -0.33 8.40
CA GLU A 315 -4.62 -1.37 7.52
C GLU A 315 -3.50 -2.17 8.15
N ASP A 316 -2.53 -1.47 8.76
CA ASP A 316 -1.43 -2.13 9.46
C ASP A 316 -1.90 -2.95 10.66
N ILE A 317 -2.74 -2.35 11.48
CA ILE A 317 -3.16 -2.96 12.72
C ILE A 317 -4.06 -4.13 12.40
N SER A 318 -4.91 -3.97 11.38
CA SER A 318 -5.79 -5.10 11.01
C SER A 318 -4.98 -6.30 10.53
N SER A 319 -4.02 -6.03 9.64
CA SER A 319 -3.16 -7.07 9.08
C SER A 319 -2.38 -7.75 10.19
N ALA A 320 -1.72 -6.94 11.03
CA ALA A 320 -0.89 -7.46 12.12
C ALA A 320 -1.73 -8.34 13.04
N TYR A 321 -2.94 -7.87 13.32
CA TYR A 321 -3.85 -8.62 14.17
C TYR A 321 -4.24 -9.96 13.55
N PHE A 322 -4.55 -9.99 12.26
CA PHE A 322 -4.86 -11.26 11.59
C PHE A 322 -3.70 -12.25 11.77
N ILE A 323 -2.49 -11.76 11.53
CA ILE A 323 -1.25 -12.55 11.61
C ILE A 323 -0.96 -12.99 13.04
N TYR A 324 -1.13 -12.08 14.00
CA TYR A 324 -1.01 -12.47 15.41
C TYR A 324 -1.90 -13.70 15.74
N GLN A 325 -3.16 -13.65 15.36
CA GLN A 325 -4.04 -14.78 15.66
C GLN A 325 -3.56 -16.06 14.98
N GLN A 326 -3.17 -15.99 13.71
CA GLN A 326 -2.61 -17.18 13.07
C GLN A 326 -1.36 -17.67 13.82
N ALA A 327 -0.47 -16.76 14.22
CA ALA A 327 0.71 -17.15 15.00
C ALA A 327 0.34 -17.86 16.30
N GLN A 328 -0.61 -17.29 17.04
CA GLN A 328 -1.06 -17.90 18.29
C GLN A 328 -1.57 -19.31 18.08
N GLN A 329 -2.37 -19.49 17.02
CA GLN A 329 -2.89 -20.81 16.63
C GLN A 329 -1.81 -21.83 16.25
N GLN A 330 -0.63 -21.35 15.82
CA GLN A 330 0.42 -22.27 15.35
C GLN A 330 1.60 -22.30 16.30
N ASN A 331 1.42 -21.73 17.49
CA ASN A 331 2.49 -21.60 18.47
C ASN A 331 3.80 -21.02 17.93
N ILE A 332 3.66 -19.97 17.13
CA ILE A 332 4.81 -19.27 16.55
C ILE A 332 5.07 -18.03 17.38
N GLY A 333 6.34 -17.75 17.61
CA GLY A 333 6.76 -16.48 18.17
C GLY A 333 7.37 -16.69 19.53
N THR A 334 7.83 -15.60 20.14
CA THR A 334 8.46 -15.62 21.45
C THR A 334 7.55 -14.93 22.46
N THR A 335 7.20 -15.67 23.51
CA THR A 335 6.40 -15.12 24.58
C THR A 335 7.27 -14.26 25.49
N LEU A 336 6.88 -13.01 25.68
CA LEU A 336 7.66 -12.12 26.55
C LEU A 336 6.81 -11.81 27.77
N ASN A 337 7.45 -11.59 28.92
CA ASN A 337 6.74 -11.04 30.07
C ASN A 337 6.84 -9.53 30.11
N LEU A 338 5.75 -8.87 30.46
CA LEU A 338 5.74 -7.40 30.52
C LEU A 338 6.46 -6.92 31.79
N TYR A 339 6.29 -7.67 32.89
CA TYR A 339 6.78 -7.27 34.20
C TYR A 339 8.16 -7.81 34.53
S SO4 B . 2.21 4.41 5.00
O1 SO4 B . 0.89 4.78 5.56
O2 SO4 B . 1.96 3.75 3.69
O3 SO4 B . 3.02 5.64 4.80
O4 SO4 B . 3.00 3.50 5.88
C1 GOL C . 13.06 -0.55 -0.84
O1 GOL C . 14.38 0.00 -0.78
C2 GOL C . 11.98 0.50 -0.59
O2 GOL C . 10.79 0.17 -1.29
C3 GOL C . 12.40 1.89 -1.01
O3 GOL C . 13.00 1.92 -2.32
S SO4 D . 2.42 19.44 -11.11
O1 SO4 D . 2.25 19.79 -9.68
O2 SO4 D . 2.09 18.01 -11.32
O3 SO4 D . 1.51 20.27 -11.93
O4 SO4 D . 3.85 19.66 -11.49
#